data_5T8Z
#
_entry.id   5T8Z
#
_cell.length_a   39.120
_cell.length_b   70.540
_cell.length_c   140.510
_cell.angle_alpha   90.000
_cell.angle_beta   90.000
_cell.angle_gamma   90.000
#
_symmetry.space_group_name_H-M   'I 2 2 2'
#
loop_
_entity.id
_entity.type
_entity.pdbx_description
1 polymer 'Peptide deformylase'
2 non-polymer ACTINONIN
3 non-polymer 'FE (II) ION'
4 water water
#
_entity_poly.entity_id   1
_entity_poly.type   'polypeptide(L)'
_entity_poly.pdbx_seq_one_letter_code
;MAHHHHHHMIREILKMGDPRLLEVARPVDRFDTPELHEIVADMFETMHHANGAGLAAPQIGIGLQIIIFGFGSNDRYPDA
PPVPETVLINPKLEYMPPDMEEGWEGCLSVPGMRGVVSRYAKVRYSGFDQFGAKIDRVAEGFHARVVQHEYDHLIGKLYP
MRITDFTRFGFTEVLFPGLDPAADD
;
_entity_poly.pdbx_strand_id   A
#
# COMPACT_ATOMS: atom_id res chain seq x y z
N HIS A 8 16.07 -7.02 -8.07
CA HIS A 8 15.97 -8.32 -8.74
C HIS A 8 15.32 -8.21 -10.12
N MET A 9 13.99 -8.22 -10.17
CA MET A 9 13.25 -8.13 -11.42
C MET A 9 12.08 -7.16 -11.26
N ILE A 10 11.79 -6.44 -12.33
CA ILE A 10 10.69 -5.49 -12.36
C ILE A 10 9.44 -6.22 -12.87
N ARG A 11 8.41 -6.27 -12.04
CA ARG A 11 7.18 -6.96 -12.39
C ARG A 11 6.13 -5.96 -12.88
N GLU A 12 5.23 -6.44 -13.73
CA GLU A 12 4.10 -5.63 -14.21
C GLU A 12 3.18 -5.28 -13.04
N ILE A 13 2.80 -4.00 -12.96
CA ILE A 13 1.81 -3.55 -11.96
C ILE A 13 0.42 -3.66 -12.58
N LEU A 14 -0.46 -4.38 -11.90
CA LEU A 14 -1.82 -4.56 -12.39
C LEU A 14 -2.59 -3.25 -12.33
N LYS A 15 -3.54 -3.07 -13.26
CA LYS A 15 -4.31 -1.84 -13.31
C LYS A 15 -5.75 -2.11 -12.86
N MET A 16 -6.36 -1.05 -12.32
CA MET A 16 -7.74 -1.10 -11.87
C MET A 16 -8.64 -1.60 -13.00
N GLY A 17 -9.53 -2.52 -12.66
CA GLY A 17 -10.23 -3.34 -13.62
C GLY A 17 -9.78 -4.78 -13.57
N ASP A 18 -8.54 -5.02 -13.20
CA ASP A 18 -8.08 -6.39 -13.04
C ASP A 18 -8.74 -6.99 -11.79
N PRO A 19 -9.46 -8.09 -11.91
CA PRO A 19 -10.20 -8.63 -10.75
C PRO A 19 -9.30 -9.10 -9.63
N ARG A 20 -8.02 -9.34 -9.91
CA ARG A 20 -7.09 -9.70 -8.84
C ARG A 20 -6.92 -8.58 -7.84
N LEU A 21 -7.16 -7.32 -8.25
CA LEU A 21 -7.02 -6.23 -7.28
C LEU A 21 -8.18 -6.15 -6.30
N LEU A 22 -9.24 -6.93 -6.53
CA LEU A 22 -10.43 -6.87 -5.72
C LEU A 22 -10.51 -8.00 -4.71
N GLU A 23 -9.60 -8.98 -4.79
CA GLU A 23 -9.60 -10.14 -3.92
C GLU A 23 -9.07 -9.76 -2.54
N VAL A 24 -9.32 -10.61 -1.59
CA VAL A 24 -8.75 -10.44 -0.25
C VAL A 24 -7.50 -11.32 -0.15
N ALA A 25 -6.37 -10.67 0.10
CA ALA A 25 -5.09 -11.38 0.15
C ALA A 25 -5.04 -12.38 1.30
N ARG A 26 -4.32 -13.53 1.07
CA ARG A 26 -4.17 -14.59 2.04
C ARG A 26 -2.92 -14.33 2.90
N PRO A 27 -2.92 -14.80 4.14
CA PRO A 27 -1.76 -14.60 5.01
C PRO A 27 -0.55 -15.37 4.52
N VAL A 28 0.63 -14.83 4.84
CA VAL A 28 1.89 -15.57 4.68
C VAL A 28 2.04 -16.52 5.86
N ASP A 29 2.31 -17.80 5.58
CA ASP A 29 2.45 -18.80 6.63
C ASP A 29 3.89 -19.14 6.97
N ARG A 30 4.82 -19.00 6.05
CA ARG A 30 6.21 -19.33 6.31
CA ARG A 30 6.21 -19.33 6.33
C ARG A 30 7.10 -18.13 6.04
N PHE A 31 7.94 -17.80 7.00
CA PHE A 31 8.87 -16.68 6.89
C PHE A 31 10.29 -17.17 6.62
N ASP A 32 11.13 -16.23 6.15
CA ASP A 32 12.54 -16.49 5.85
C ASP A 32 12.66 -17.68 4.91
N THR A 33 11.98 -17.57 3.73
CA THR A 33 12.18 -18.53 2.65
C THR A 33 12.78 -17.83 1.45
N PRO A 34 13.51 -18.53 0.59
CA PRO A 34 14.04 -17.88 -0.61
C PRO A 34 12.93 -17.29 -1.45
N GLU A 35 11.78 -17.97 -1.53
CA GLU A 35 10.68 -17.47 -2.35
C GLU A 35 10.14 -16.17 -1.79
N LEU A 36 10.03 -16.05 -0.47
CA LEU A 36 9.54 -14.79 0.09
C LEU A 36 10.56 -13.68 -0.09
N HIS A 37 11.85 -14.00 0.01
CA HIS A 37 12.87 -12.99 -0.17
C HIS A 37 12.86 -12.43 -1.58
N GLU A 38 12.57 -13.30 -2.58
CA GLU A 38 12.51 -12.84 -3.97
C GLU A 38 11.32 -11.91 -4.18
N ILE A 39 10.16 -12.28 -3.62
CA ILE A 39 8.97 -11.43 -3.70
C ILE A 39 9.27 -10.03 -3.18
N VAL A 40 9.85 -9.96 -1.98
CA VAL A 40 10.17 -8.66 -1.39
C VAL A 40 11.14 -7.89 -2.29
N ALA A 41 12.17 -8.57 -2.82
CA ALA A 41 13.10 -7.90 -3.72
C ALA A 41 12.40 -7.42 -4.99
N ASP A 42 11.55 -8.25 -5.57
CA ASP A 42 10.80 -7.86 -6.76
C ASP A 42 9.92 -6.64 -6.48
N MET A 43 9.30 -6.60 -5.30
CA MET A 43 8.40 -5.49 -4.97
C MET A 43 9.18 -4.19 -4.85
N PHE A 44 10.36 -4.21 -4.20
CA PHE A 44 11.14 -3.00 -4.06
C PHE A 44 11.63 -2.47 -5.42
N GLU A 45 12.06 -3.37 -6.30
CA GLU A 45 12.53 -2.92 -7.60
C GLU A 45 11.38 -2.35 -8.42
N THR A 46 10.22 -3.03 -8.39
CA THR A 46 9.05 -2.54 -9.10
C THR A 46 8.63 -1.19 -8.53
N MET A 47 8.63 -1.07 -7.19
CA MET A 47 8.25 0.20 -6.54
C MET A 47 9.21 1.32 -6.94
N HIS A 48 10.52 1.10 -6.77
CA HIS A 48 11.50 2.14 -7.08
C HIS A 48 11.40 2.55 -8.54
N HIS A 49 11.18 1.58 -9.42
CA HIS A 49 11.10 1.88 -10.84
C HIS A 49 9.95 2.84 -11.15
N ALA A 50 8.96 2.93 -10.27
CA ALA A 50 7.80 3.78 -10.50
C ALA A 50 7.79 5.03 -9.61
N ASN A 51 8.85 5.27 -8.83
CA ASN A 51 8.90 6.32 -7.83
C ASN A 51 7.71 6.26 -6.87
N GLY A 52 7.35 5.04 -6.48
CA GLY A 52 6.26 4.84 -5.53
C GLY A 52 6.73 4.92 -4.10
N ALA A 53 5.82 5.32 -3.22
CA ALA A 53 6.12 5.38 -1.79
C ALA A 53 5.71 4.11 -1.06
N GLY A 54 4.94 3.24 -1.71
CA GLY A 54 4.57 1.94 -1.18
C GLY A 54 4.15 1.02 -2.31
N LEU A 55 4.00 -0.26 -1.98
CA LEU A 55 3.51 -1.27 -2.93
C LEU A 55 2.93 -2.44 -2.14
N ALA A 56 1.89 -3.04 -2.70
CA ALA A 56 1.28 -4.22 -2.09
C ALA A 56 1.38 -5.40 -3.05
N ALA A 57 1.60 -6.61 -2.53
CA ALA A 57 1.79 -7.78 -3.39
C ALA A 57 0.68 -8.01 -4.40
N PRO A 58 -0.61 -7.83 -4.07
CA PRO A 58 -1.64 -8.02 -5.10
C PRO A 58 -1.41 -7.17 -6.34
N GLN A 59 -0.76 -6.00 -6.21
CA GLN A 59 -0.52 -5.14 -7.38
C GLN A 59 0.44 -5.75 -8.38
N ILE A 60 1.26 -6.71 -7.96
CA ILE A 60 2.07 -7.45 -8.90
C ILE A 60 1.51 -8.86 -9.07
N GLY A 61 0.24 -9.05 -8.72
CA GLY A 61 -0.43 -10.30 -8.98
C GLY A 61 -0.16 -11.39 -7.97
N ILE A 62 0.31 -11.04 -6.78
CA ILE A 62 0.67 -11.99 -5.75
C ILE A 62 -0.34 -11.82 -4.61
N GLY A 63 -1.20 -12.81 -4.42
CA GLY A 63 -2.34 -12.59 -3.55
C GLY A 63 -2.01 -12.85 -2.09
N LEU A 64 -0.93 -12.25 -1.59
CA LEU A 64 -0.45 -12.44 -0.22
C LEU A 64 -0.47 -11.13 0.55
N GLN A 65 -0.58 -11.21 1.89
CA GLN A 65 -0.63 -10.02 2.73
C GLN A 65 0.80 -9.52 2.97
N ILE A 66 1.35 -8.85 1.96
CA ILE A 66 2.72 -8.27 2.00
C ILE A 66 2.62 -6.85 1.48
N ILE A 67 3.03 -5.89 2.28
CA ILE A 67 3.15 -4.51 1.79
C ILE A 67 4.56 -4.05 2.11
N ILE A 68 5.05 -3.09 1.31
CA ILE A 68 6.32 -2.42 1.54
C ILE A 68 6.08 -0.93 1.40
N PHE A 69 6.89 -0.15 2.10
CA PHE A 69 6.80 1.30 1.97
C PHE A 69 8.08 1.90 2.50
N GLY A 70 8.22 3.20 2.32
CA GLY A 70 9.46 3.84 2.69
C GLY A 70 9.89 4.77 1.59
N PHE A 71 9.85 6.05 1.88
CA PHE A 71 10.10 7.12 0.92
C PHE A 71 11.06 8.11 1.54
N PRO A 81 9.38 14.45 7.54
CA PRO A 81 9.23 13.21 8.31
C PRO A 81 9.56 11.98 7.48
N PRO A 82 10.77 11.44 7.63
CA PRO A 82 11.11 10.22 6.90
C PRO A 82 10.13 9.10 7.24
N VAL A 83 9.70 8.39 6.21
CA VAL A 83 8.91 7.16 6.37
C VAL A 83 9.90 6.00 6.38
N PRO A 84 9.93 5.19 7.44
CA PRO A 84 10.96 4.15 7.53
C PRO A 84 10.77 3.07 6.48
N GLU A 85 11.87 2.59 5.92
CA GLU A 85 11.83 1.57 4.90
C GLU A 85 11.43 0.23 5.53
N THR A 86 10.30 -0.31 5.09
CA THR A 86 9.61 -1.31 5.88
C THR A 86 8.99 -2.39 4.99
N VAL A 87 9.12 -3.63 5.43
CA VAL A 87 8.38 -4.76 4.90
C VAL A 87 7.42 -5.17 5.99
N LEU A 88 6.10 -5.15 5.69
CA LEU A 88 5.08 -5.46 6.67
C LEU A 88 4.22 -6.61 6.16
N ILE A 89 4.28 -7.75 6.85
CA ILE A 89 3.60 -8.96 6.44
C ILE A 89 2.50 -9.31 7.44
N ASN A 90 1.35 -9.76 6.92
CA ASN A 90 0.18 -10.05 7.72
C ASN A 90 -0.20 -8.85 8.61
N PRO A 91 -0.36 -7.65 8.02
CA PRO A 91 -0.56 -6.46 8.85
C PRO A 91 -1.84 -6.53 9.64
N LYS A 92 -1.79 -6.00 10.86
CA LYS A 92 -3.01 -5.72 11.63
C LYS A 92 -3.02 -4.22 11.88
N LEU A 93 -4.05 -3.52 11.40
CA LEU A 93 -4.20 -2.10 11.61
C LEU A 93 -5.19 -1.82 12.73
N GLU A 94 -4.96 -0.74 13.46
CA GLU A 94 -5.97 -0.17 14.34
C GLU A 94 -6.18 1.29 13.93
N TYR A 95 -7.41 1.63 13.54
CA TYR A 95 -7.72 3.01 13.28
C TYR A 95 -7.97 3.77 14.57
N MET A 96 -7.51 5.03 14.63
CA MET A 96 -7.68 5.86 15.82
C MET A 96 -8.63 7.03 15.60
N PRO A 97 -9.94 6.83 15.75
CA PRO A 97 -10.88 7.95 15.60
C PRO A 97 -10.62 8.99 16.67
N PRO A 98 -11.12 10.22 16.49
CA PRO A 98 -11.96 10.60 15.35
C PRO A 98 -11.24 11.50 14.35
N ASP A 99 -9.95 11.73 14.54
CA ASP A 99 -9.28 12.73 13.71
C ASP A 99 -8.98 12.17 12.31
N MET A 100 -9.62 12.76 11.28
CA MET A 100 -9.41 12.42 9.87
C MET A 100 -8.70 13.57 9.17
N GLU A 101 -8.01 13.26 8.07
CA GLU A 101 -7.38 14.27 7.25
C GLU A 101 -7.62 13.95 5.78
N GLU A 102 -8.00 14.97 5.00
CA GLU A 102 -8.09 14.80 3.56
C GLU A 102 -6.71 15.00 2.94
N GLY A 103 -6.45 14.28 1.86
CA GLY A 103 -5.22 14.52 1.10
C GLY A 103 -5.26 13.87 -0.26
N TRP A 104 -4.43 14.39 -1.16
CA TRP A 104 -4.33 13.85 -2.51
C TRP A 104 -3.62 12.51 -2.51
N GLU A 105 -4.17 11.52 -3.20
CA GLU A 105 -3.51 10.24 -3.41
C GLU A 105 -3.49 9.89 -4.89
N GLY A 106 -2.42 9.22 -5.31
CA GLY A 106 -2.38 8.47 -6.53
C GLY A 106 -2.04 7.02 -6.22
N CYS A 107 -2.22 6.19 -7.23
CA CYS A 107 -2.01 4.75 -7.12
C CYS A 107 -1.31 4.26 -8.38
N LEU A 108 -0.29 3.42 -8.20
CA LEU A 108 0.38 2.84 -9.36
C LEU A 108 -0.56 1.95 -10.18
N SER A 109 -1.68 1.51 -9.59
CA SER A 109 -2.69 0.75 -10.31
C SER A 109 -3.78 1.63 -10.95
N VAL A 110 -3.74 2.93 -10.68
CA VAL A 110 -4.66 3.90 -11.32
C VAL A 110 -3.75 4.93 -11.98
N PRO A 111 -2.94 4.56 -12.97
CA PRO A 111 -1.95 5.51 -13.51
C PRO A 111 -2.61 6.75 -14.10
N GLY A 112 -2.00 7.90 -13.86
CA GLY A 112 -2.42 9.15 -14.49
C GLY A 112 -3.40 9.99 -13.71
N MET A 113 -3.84 9.54 -12.53
CA MET A 113 -4.92 10.21 -11.81
C MET A 113 -4.52 10.53 -10.37
N ARG A 114 -5.27 11.46 -9.77
CA ARG A 114 -5.21 11.79 -8.35
C ARG A 114 -6.63 12.02 -7.83
N GLY A 115 -6.84 11.73 -6.56
CA GLY A 115 -8.12 12.04 -5.92
C GLY A 115 -7.92 12.32 -4.44
N VAL A 116 -8.79 13.15 -3.90
CA VAL A 116 -8.73 13.50 -2.48
C VAL A 116 -9.43 12.40 -1.69
N VAL A 117 -8.75 11.91 -0.64
CA VAL A 117 -9.21 10.79 0.16
C VAL A 117 -9.05 11.16 1.63
N SER A 118 -10.10 10.93 2.43
CA SER A 118 -10.04 11.10 3.88
C SER A 118 -9.41 9.86 4.52
N ARG A 119 -8.39 10.06 5.35
CA ARG A 119 -7.75 8.97 6.06
C ARG A 119 -7.70 9.28 7.55
N TYR A 120 -7.54 8.25 8.37
CA TYR A 120 -7.25 8.48 9.78
C TYR A 120 -5.91 9.20 9.89
N ALA A 121 -5.88 10.24 10.73
CA ALA A 121 -4.63 10.96 10.95
C ALA A 121 -3.59 10.06 11.59
N LYS A 122 -4.02 9.12 12.43
CA LYS A 122 -3.12 8.22 13.16
C LYS A 122 -3.65 6.80 13.12
N VAL A 123 -2.74 5.82 12.97
CA VAL A 123 -3.08 4.40 13.05
C VAL A 123 -2.00 3.69 13.83
N ARG A 124 -2.35 2.54 14.39
CA ARG A 124 -1.34 1.60 14.91
C ARG A 124 -1.26 0.49 13.88
N TYR A 125 -0.08 -0.06 13.67
CA TYR A 125 0.03 -1.23 12.82
C TYR A 125 1.05 -2.18 13.38
N SER A 126 0.82 -3.47 13.14
CA SER A 126 1.70 -4.52 13.59
C SER A 126 1.67 -5.62 12.54
N GLY A 127 2.59 -6.55 12.67
CA GLY A 127 2.81 -7.59 11.70
C GLY A 127 4.25 -8.08 11.85
N PHE A 128 4.78 -8.60 10.74
CA PHE A 128 6.08 -9.27 10.74
C PHE A 128 6.88 -8.83 9.53
N ASP A 129 8.21 -8.82 9.66
CA ASP A 129 9.08 -8.60 8.52
C ASP A 129 9.31 -9.95 7.83
N GLN A 130 10.06 -9.95 6.72
CA GLN A 130 10.24 -11.17 5.93
C GLN A 130 11.02 -12.22 6.70
N PHE A 131 11.62 -11.87 7.83
CA PHE A 131 12.32 -12.85 8.65
C PHE A 131 11.43 -13.38 9.77
N GLY A 132 10.22 -12.85 9.90
CA GLY A 132 9.31 -13.23 10.95
C GLY A 132 9.47 -12.44 12.24
N ALA A 133 10.32 -11.41 12.24
CA ALA A 133 10.47 -10.57 13.42
C ALA A 133 9.27 -9.65 13.55
N LYS A 134 8.84 -9.41 14.79
CA LYS A 134 7.63 -8.61 14.98
C LYS A 134 7.85 -7.12 14.67
N ILE A 135 6.83 -6.49 14.06
CA ILE A 135 6.78 -5.05 13.84
C ILE A 135 5.56 -4.50 14.57
N ASP A 136 5.73 -3.35 15.22
CA ASP A 136 4.65 -2.81 16.05
C ASP A 136 4.88 -1.31 16.23
N ARG A 137 4.07 -0.48 15.57
CA ARG A 137 4.30 0.96 15.53
C ARG A 137 3.00 1.74 15.57
N VAL A 138 3.09 2.99 16.00
CA VAL A 138 2.03 3.99 15.79
C VAL A 138 2.52 5.00 14.75
N ALA A 139 1.67 5.32 13.78
CA ALA A 139 2.05 6.19 12.67
C ALA A 139 1.10 7.36 12.57
N GLU A 140 1.60 8.48 12.06
CA GLU A 140 0.89 9.76 11.95
C GLU A 140 0.97 10.29 10.52
N GLY A 141 -0.03 11.08 10.10
CA GLY A 141 0.11 11.84 8.87
C GLY A 141 0.42 10.98 7.64
N PHE A 142 1.39 11.44 6.83
CA PHE A 142 1.66 10.75 5.57
C PHE A 142 2.07 9.30 5.79
N HIS A 143 2.89 9.05 6.82
CA HIS A 143 3.24 7.68 7.16
C HIS A 143 1.97 6.83 7.36
N ALA A 144 1.03 7.34 8.14
CA ALA A 144 -0.21 6.61 8.37
C ALA A 144 -1.05 6.50 7.10
N ARG A 145 -1.00 7.54 6.26
CA ARG A 145 -1.74 7.49 5.00
C ARG A 145 -1.23 6.38 4.10
N VAL A 146 0.10 6.31 3.91
CA VAL A 146 0.65 5.26 3.06
C VAL A 146 0.25 3.89 3.58
N VAL A 147 0.37 3.68 4.89
CA VAL A 147 0.01 2.37 5.45
C VAL A 147 -1.46 2.05 5.20
N GLN A 148 -2.35 3.03 5.36
CA GLN A 148 -3.76 2.76 5.09
C GLN A 148 -3.98 2.40 3.62
N HIS A 149 -3.35 3.16 2.74
CA HIS A 149 -3.50 2.93 1.30
C HIS A 149 -3.03 1.53 0.92
N GLU A 150 -1.86 1.09 1.42
CA GLU A 150 -1.38 -0.23 1.06
C GLU A 150 -2.20 -1.32 1.71
N TYR A 151 -2.61 -1.12 2.96
CA TYR A 151 -3.48 -2.09 3.61
C TYR A 151 -4.76 -2.29 2.81
N ASP A 152 -5.35 -1.20 2.33
CA ASP A 152 -6.57 -1.30 1.52
C ASP A 152 -6.37 -2.29 0.37
N HIS A 153 -5.19 -2.27 -0.26
CA HIS A 153 -4.94 -3.19 -1.37
C HIS A 153 -5.10 -4.64 -0.93
N LEU A 154 -4.73 -4.97 0.31
CA LEU A 154 -4.87 -6.35 0.80
C LEU A 154 -6.30 -6.74 1.06
N ILE A 155 -7.23 -5.78 1.17
CA ILE A 155 -8.61 -6.17 1.39
C ILE A 155 -9.49 -5.82 0.17
N GLY A 156 -8.88 -5.69 -1.01
CA GLY A 156 -9.65 -5.49 -2.22
C GLY A 156 -10.09 -4.07 -2.51
N LYS A 157 -9.52 -3.07 -1.82
CA LYS A 157 -9.94 -1.68 -1.98
C LYS A 157 -8.90 -0.86 -2.72
N LEU A 158 -9.36 -0.08 -3.70
CA LEU A 158 -8.54 0.93 -4.35
C LEU A 158 -9.10 2.30 -3.98
N TYR A 159 -8.26 3.34 -4.02
CA TYR A 159 -8.66 4.59 -3.37
C TYR A 159 -9.91 5.24 -3.99
N PRO A 160 -10.28 5.04 -5.26
CA PRO A 160 -11.56 5.62 -5.72
C PRO A 160 -12.75 5.11 -4.94
N MET A 161 -12.66 3.91 -4.35
CA MET A 161 -13.75 3.39 -3.51
C MET A 161 -13.91 4.16 -2.22
N ARG A 162 -12.88 4.88 -1.79
CA ARG A 162 -12.95 5.70 -0.59
C ARG A 162 -13.32 7.14 -0.86
N ILE A 163 -13.34 7.57 -2.14
CA ILE A 163 -13.59 8.96 -2.46
C ILE A 163 -15.06 9.29 -2.19
N THR A 164 -15.30 10.45 -1.59
CA THR A 164 -16.67 10.92 -1.42
C THR A 164 -16.96 12.15 -2.26
N ASP A 165 -15.91 12.89 -2.66
CA ASP A 165 -16.06 14.12 -3.42
C ASP A 165 -15.39 13.91 -4.79
N PHE A 166 -16.17 13.48 -5.77
CA PHE A 166 -15.62 13.21 -7.10
C PHE A 166 -15.41 14.46 -7.95
N THR A 167 -15.77 15.64 -7.46
CA THR A 167 -15.25 16.83 -8.12
C THR A 167 -13.76 17.01 -7.86
N ARG A 168 -13.19 16.30 -6.89
CA ARG A 168 -11.75 16.42 -6.65
C ARG A 168 -11.04 15.13 -7.03
N PHE A 169 -11.39 14.60 -8.19
CA PHE A 169 -10.78 13.40 -8.71
C PHE A 169 -10.57 13.64 -10.20
N GLY A 170 -9.39 13.33 -10.71
CA GLY A 170 -9.12 13.63 -12.10
C GLY A 170 -7.71 13.27 -12.49
N PHE A 171 -7.27 13.80 -13.63
CA PHE A 171 -5.99 13.46 -14.21
C PHE A 171 -4.90 14.37 -13.67
N THR A 172 -3.78 13.77 -13.25
CA THR A 172 -2.70 14.52 -12.64
C THR A 172 -2.26 15.69 -13.49
N GLU A 173 -2.11 15.47 -14.80
CA GLU A 173 -1.63 16.51 -15.71
C GLU A 173 -2.52 17.73 -15.70
N VAL A 174 -3.80 17.56 -15.39
CA VAL A 174 -4.76 18.65 -15.38
C VAL A 174 -4.88 19.29 -13.99
N LEU A 175 -4.81 18.46 -12.94
CA LEU A 175 -4.93 18.99 -11.59
C LEU A 175 -3.66 19.68 -11.14
N PHE A 176 -2.50 19.11 -11.51
CA PHE A 176 -1.20 19.63 -11.08
C PHE A 176 -0.26 19.74 -12.29
N PRO A 177 -0.40 20.80 -13.09
CA PRO A 177 0.34 21.03 -14.35
C PRO A 177 1.87 21.05 -14.26
#